data_7V1G
#
_entry.id   7V1G
#
_cell.length_a   35.125
_cell.length_b   89.685
_cell.length_c   45.452
_cell.angle_alpha   90.000
_cell.angle_beta   90.470
_cell.angle_gamma   90.000
#
_symmetry.space_group_name_H-M   'P 1 21 1'
#
loop_
_entity.id
_entity.type
_entity.pdbx_description
1 polymer 'Core protein'
2 non-polymer 'MAGNESIUM ION'
3 non-polymer 'CITRIC ACID'
4 non-polymer S-ADENOSYLMETHIONINE
5 non-polymer "GUANOSINE-5'-MONOPHOSPHATE"
6 non-polymer "GUANOSINE-5'-TRIPHOSPHATE"
7 non-polymer GLYCEROL
8 water water
#
_entity_poly.entity_id   1
_entity_poly.type   'polypeptide(L)'
_entity_poly.pdbx_seq_one_letter_code
;MTLGDLWKRRLNNCTKEEFFAYRRTGILETERDKARELLRKGETNMGLAVSRGTAKLAWLEERGYVNLKGEVVDLGCGRG
GWSYYAASRPAVMGVKAYTIGGKGHEAPKMVTSLGWNLIKFRAGMDVFTMQPHRADTVMCDIGESSPDAAIEGERTRKVI
LLMEQWKNRNPSASCVFKVLAPYRPEVIEALHRFQLQWGGGLVRTPFSRNSTHEMYYSTAISGNIVNSVNVQSRKLLARF
GDQRGPIRVPEMDLGVGTRHHHHHH
;
_entity_poly.pdbx_strand_id   A
#
# COMPACT_ATOMS: atom_id res chain seq x y z
N MET A 1 -8.34 -11.12 22.50
CA MET A 1 -8.12 -11.63 21.15
C MET A 1 -9.23 -11.22 20.20
N THR A 2 -8.85 -10.81 19.00
CA THR A 2 -9.78 -10.30 18.01
C THR A 2 -10.03 -11.34 16.92
N LEU A 3 -11.05 -11.06 16.09
CA LEU A 3 -11.31 -11.89 14.93
C LEU A 3 -10.11 -11.92 13.98
N GLY A 4 -9.42 -10.78 13.84
CA GLY A 4 -8.23 -10.76 13.01
C GLY A 4 -7.13 -11.65 13.56
N ASP A 5 -6.98 -11.69 14.89
CA ASP A 5 -6.01 -12.61 15.49
C ASP A 5 -6.37 -14.05 15.14
N LEU A 6 -7.65 -14.39 15.19
CA LEU A 6 -8.05 -15.76 14.86
C LEU A 6 -7.79 -16.05 13.39
N TRP A 7 -8.12 -15.09 12.52
CA TRP A 7 -7.81 -15.25 11.10
C TRP A 7 -6.33 -15.56 10.87
N LYS A 8 -5.43 -14.85 11.56
CA LYS A 8 -4.00 -15.09 11.36
C LYS A 8 -3.62 -16.51 11.76
N ARG A 9 -4.19 -16.99 12.88
CA ARG A 9 -3.90 -18.34 13.34
C ARG A 9 -4.44 -19.38 12.36
N ARG A 10 -5.67 -19.20 11.90
CA ARG A 10 -6.21 -20.13 10.91
C ARG A 10 -5.38 -20.11 9.64
N LEU A 11 -4.93 -18.92 9.21
CA LEU A 11 -4.09 -18.82 8.03
C LEU A 11 -2.81 -19.63 8.21
N ASN A 12 -2.13 -19.45 9.34
CA ASN A 12 -0.87 -20.15 9.58
C ASN A 12 -1.07 -21.66 9.64
N ASN A 13 -2.29 -22.12 9.93
CA ASN A 13 -2.53 -23.56 10.07
C ASN A 13 -2.87 -24.24 8.75
N CYS A 14 -3.01 -23.49 7.65
CA CYS A 14 -3.30 -24.10 6.36
C CYS A 14 -2.16 -24.98 5.91
N THR A 15 -2.50 -26.07 5.23
CA THR A 15 -1.51 -26.80 4.47
C THR A 15 -1.05 -25.95 3.29
N LYS A 16 -0.02 -26.43 2.59
CA LYS A 16 0.52 -25.67 1.46
C LYS A 16 -0.52 -25.47 0.38
N GLU A 17 -1.23 -26.54 0.01
CA GLU A 17 -2.27 -26.44 -1.02
C GLU A 17 -3.43 -25.56 -0.54
N GLU A 18 -3.81 -25.70 0.73
CA GLU A 18 -4.88 -24.87 1.28
C GLU A 18 -4.49 -23.41 1.26
N PHE A 19 -3.25 -23.10 1.66
CA PHE A 19 -2.78 -21.72 1.67
C PHE A 19 -2.77 -21.14 0.27
N PHE A 20 -2.24 -21.89 -0.71
CA PHE A 20 -2.17 -21.36 -2.06
C PHE A 20 -3.55 -20.99 -2.58
N ALA A 21 -4.53 -21.88 -2.40
CA ALA A 21 -5.87 -21.62 -2.91
C ALA A 21 -6.52 -20.46 -2.16
N TYR A 22 -6.33 -20.40 -0.84
CA TYR A 22 -6.96 -19.34 -0.06
C TYR A 22 -6.39 -17.98 -0.43
N ARG A 23 -5.07 -17.92 -0.69
N ARG A 23 -5.06 -17.91 -0.62
CA ARG A 23 -4.39 -16.63 -0.88
CA ARG A 23 -4.36 -16.66 -0.91
C ARG A 23 -4.96 -15.84 -2.05
C ARG A 23 -5.07 -15.86 -1.99
N ARG A 24 -5.44 -16.51 -3.09
CA ARG A 24 -5.91 -15.80 -4.27
C ARG A 24 -7.38 -15.94 -4.57
N THR A 25 -8.16 -16.62 -3.73
CA THR A 25 -9.56 -16.85 -4.07
C THR A 25 -10.35 -15.54 -4.11
N GLY A 26 -10.90 -15.25 -5.29
CA GLY A 26 -11.75 -14.09 -5.46
C GLY A 26 -11.02 -12.76 -5.58
N ILE A 27 -9.71 -12.77 -5.71
CA ILE A 27 -8.93 -11.53 -5.71
C ILE A 27 -8.74 -11.07 -7.14
N LEU A 28 -8.74 -9.76 -7.34
CA LEU A 28 -8.31 -9.21 -8.63
C LEU A 28 -6.80 -9.31 -8.73
N GLU A 29 -6.31 -9.74 -9.89
CA GLU A 29 -4.89 -9.97 -10.11
C GLU A 29 -4.53 -9.43 -11.49
N THR A 30 -3.64 -8.44 -11.55
CA THR A 30 -3.23 -7.94 -12.85
C THR A 30 -2.37 -8.96 -13.60
N GLU A 31 -2.46 -8.94 -14.92
CA GLU A 31 -1.74 -9.86 -15.79
C GLU A 31 -0.36 -9.28 -16.10
N ARG A 32 0.66 -9.81 -15.44
CA ARG A 32 1.99 -9.24 -15.45
C ARG A 32 2.98 -10.00 -16.32
N ASP A 33 2.48 -10.86 -17.21
CA ASP A 33 3.34 -11.68 -18.06
C ASP A 33 4.32 -10.82 -18.87
N LYS A 34 3.81 -9.84 -19.60
CA LYS A 34 4.68 -8.99 -20.42
C LYS A 34 5.53 -8.08 -19.54
N ALA A 35 4.90 -7.42 -18.57
CA ALA A 35 5.65 -6.48 -17.73
C ALA A 35 6.83 -7.16 -17.05
N ARG A 36 6.62 -8.36 -16.53
CA ARG A 36 7.66 -9.03 -15.76
C ARG A 36 8.89 -9.31 -16.63
N GLU A 37 8.68 -9.72 -17.88
CA GLU A 37 9.84 -10.04 -18.72
C GLU A 37 10.56 -8.78 -19.19
N LEU A 38 9.81 -7.71 -19.46
CA LEU A 38 10.43 -6.43 -19.85
C LEU A 38 11.35 -5.93 -18.75
N LEU A 39 10.88 -5.96 -17.51
CA LEU A 39 11.71 -5.55 -16.39
C LEU A 39 12.92 -6.45 -16.24
N ARG A 40 12.72 -7.76 -16.37
CA ARG A 40 13.81 -8.71 -16.23
C ARG A 40 14.92 -8.46 -17.24
N LYS A 41 14.54 -8.14 -18.48
CA LYS A 41 15.52 -7.93 -19.53
C LYS A 41 16.13 -6.53 -19.52
N GLY A 42 15.63 -5.63 -18.67
CA GLY A 42 16.23 -4.32 -18.56
C GLY A 42 15.71 -3.31 -19.55
N GLU A 43 14.53 -3.55 -20.10
CA GLU A 43 13.89 -2.57 -20.94
C GLU A 43 13.46 -1.38 -20.08
N THR A 44 13.86 -0.19 -20.49
CA THR A 44 13.48 1.00 -19.75
C THR A 44 12.37 1.79 -20.40
N ASN A 45 12.10 1.61 -21.70
CA ASN A 45 11.03 2.33 -22.36
C ASN A 45 9.74 1.53 -22.21
N MET A 46 9.13 1.65 -21.04
CA MET A 46 7.90 0.92 -20.78
C MET A 46 7.05 1.68 -19.78
N GLY A 47 5.73 1.60 -19.98
CA GLY A 47 4.77 2.25 -19.13
C GLY A 47 3.93 1.27 -18.34
N LEU A 48 4.12 -0.02 -18.61
CA LEU A 48 3.45 -1.02 -17.81
C LEU A 48 3.93 -0.91 -16.37
N ALA A 49 3.05 -1.24 -15.42
CA ALA A 49 3.36 -1.06 -14.01
C ALA A 49 4.59 -1.86 -13.61
N VAL A 50 5.43 -1.24 -12.77
CA VAL A 50 6.64 -1.92 -12.30
C VAL A 50 6.38 -2.87 -11.15
N SER A 51 5.16 -2.88 -10.62
CA SER A 51 4.79 -3.76 -9.52
C SER A 51 3.28 -3.83 -9.46
N ARG A 52 2.79 -4.72 -8.59
CA ARG A 52 1.36 -4.79 -8.33
C ARG A 52 0.84 -3.60 -7.53
N GLY A 53 1.72 -2.74 -7.02
CA GLY A 53 1.23 -1.60 -6.24
C GLY A 53 0.52 -0.55 -7.06
N THR A 54 0.90 -0.39 -8.33
CA THR A 54 0.34 0.66 -9.17
C THR A 54 -1.20 0.54 -9.27
N ALA A 55 -1.71 -0.65 -9.61
CA ALA A 55 -3.14 -0.81 -9.75
C ALA A 55 -3.87 -0.61 -8.43
N LYS A 56 -3.24 -0.92 -7.30
CA LYS A 56 -3.87 -0.67 -6.00
C LYS A 56 -4.07 0.82 -5.75
N LEU A 57 -3.03 1.61 -5.98
CA LEU A 57 -3.18 3.05 -5.77
C LEU A 57 -4.12 3.66 -6.80
N ALA A 58 -4.05 3.18 -8.05
CA ALA A 58 -4.99 3.64 -9.06
C ALA A 58 -6.43 3.41 -8.66
N TRP A 59 -6.71 2.23 -8.09
CA TRP A 59 -8.07 1.94 -7.64
C TRP A 59 -8.51 2.95 -6.58
N LEU A 60 -7.63 3.22 -5.60
CA LEU A 60 -7.98 4.19 -4.57
C LEU A 60 -8.27 5.56 -5.18
N GLU A 61 -7.46 5.98 -6.14
N GLU A 61 -7.47 5.98 -6.14
CA GLU A 61 -7.68 7.28 -6.77
CA GLU A 61 -7.73 7.30 -6.73
C GLU A 61 -8.95 7.28 -7.60
C GLU A 61 -8.98 7.29 -7.61
N GLU A 62 -9.18 6.22 -8.39
CA GLU A 62 -10.34 6.18 -9.27
C GLU A 62 -11.64 6.14 -8.50
N ARG A 63 -11.64 5.54 -7.31
CA ARG A 63 -12.80 5.54 -6.41
C ARG A 63 -13.02 6.87 -5.70
N GLY A 64 -12.07 7.80 -5.78
CA GLY A 64 -12.17 9.02 -5.02
C GLY A 64 -11.73 8.91 -3.58
N TYR A 65 -11.04 7.82 -3.23
CA TYR A 65 -10.60 7.58 -1.86
C TYR A 65 -9.27 8.26 -1.54
N VAL A 66 -8.50 8.65 -2.55
CA VAL A 66 -7.31 9.48 -2.39
C VAL A 66 -7.33 10.54 -3.48
N ASN A 67 -6.70 11.68 -3.20
CA ASN A 67 -6.57 12.76 -4.19
C ASN A 67 -5.09 13.17 -4.25
N LEU A 68 -4.37 12.60 -5.20
CA LEU A 68 -2.93 12.80 -5.29
C LEU A 68 -2.66 14.14 -5.96
N LYS A 69 -1.92 15.02 -5.29
CA LYS A 69 -1.75 16.35 -5.85
C LYS A 69 -0.49 17.03 -5.29
N GLY A 70 0.03 17.97 -6.09
CA GLY A 70 1.11 18.84 -5.64
C GLY A 70 2.43 18.10 -5.48
N GLU A 71 3.13 18.42 -4.41
CA GLU A 71 4.40 17.76 -4.10
C GLU A 71 4.10 16.51 -3.28
N VAL A 72 4.42 15.35 -3.83
CA VAL A 72 4.11 14.05 -3.23
C VAL A 72 5.38 13.47 -2.65
N VAL A 73 5.25 12.80 -1.51
N VAL A 73 5.27 12.87 -1.47
CA VAL A 73 6.33 12.02 -0.91
CA VAL A 73 6.33 12.02 -0.94
C VAL A 73 5.87 10.56 -0.82
C VAL A 73 5.82 10.57 -0.96
N ASP A 74 6.71 9.65 -1.34
CA ASP A 74 6.45 8.21 -1.33
C ASP A 74 7.46 7.60 -0.35
N LEU A 75 6.98 7.26 0.83
CA LEU A 75 7.83 6.74 1.90
C LEU A 75 7.82 5.21 1.84
N GLY A 76 8.97 4.62 1.50
CA GLY A 76 9.05 3.18 1.30
C GLY A 76 8.59 2.82 -0.09
N CYS A 77 9.26 3.38 -1.09
CA CYS A 77 8.74 3.28 -2.45
C CYS A 77 9.00 1.92 -3.07
N GLY A 78 9.96 1.13 -2.56
CA GLY A 78 10.27 -0.17 -3.17
C GLY A 78 10.58 0.00 -4.64
N ARG A 79 9.96 -0.84 -5.48
CA ARG A 79 10.18 -0.78 -6.91
C ARG A 79 9.68 0.50 -7.54
N GLY A 80 8.77 1.21 -6.87
CA GLY A 80 8.28 2.49 -7.34
C GLY A 80 6.88 2.52 -7.93
N GLY A 81 6.08 1.45 -7.78
CA GLY A 81 4.75 1.43 -8.40
C GLY A 81 3.87 2.60 -8.03
N TRP A 82 3.95 3.07 -6.80
CA TRP A 82 3.15 4.22 -6.37
C TRP A 82 3.77 5.52 -6.88
N SER A 83 5.12 5.60 -6.91
CA SER A 83 5.76 6.81 -7.39
C SER A 83 5.48 7.03 -8.86
N TYR A 84 5.59 5.98 -9.67
CA TYR A 84 5.25 6.13 -11.08
C TYR A 84 3.78 6.46 -11.27
N TYR A 85 2.89 5.84 -10.49
CA TYR A 85 1.48 6.23 -10.63
C TYR A 85 1.29 7.70 -10.32
N ALA A 86 1.82 8.16 -9.19
CA ALA A 86 1.63 9.57 -8.83
C ALA A 86 2.22 10.51 -9.87
N ALA A 87 3.41 10.19 -10.38
CA ALA A 87 4.06 11.06 -11.36
C ALA A 87 3.27 11.18 -12.66
N SER A 88 2.39 10.20 -12.95
CA SER A 88 1.58 10.27 -14.15
C SER A 88 0.32 11.12 -13.97
N ARG A 89 -0.01 11.53 -12.75
N ARG A 89 0.00 11.54 -12.75
CA ARG A 89 -1.24 12.27 -12.49
CA ARG A 89 -1.24 12.26 -12.51
C ARG A 89 -1.05 13.75 -12.80
C ARG A 89 -1.04 13.74 -12.80
N PRO A 90 -1.88 14.34 -13.66
CA PRO A 90 -1.70 15.77 -14.00
C PRO A 90 -1.67 16.71 -12.80
N ALA A 91 -2.37 16.40 -11.72
CA ALA A 91 -2.37 17.28 -10.55
C ALA A 91 -1.07 17.19 -9.74
N VAL A 92 -0.22 16.21 -10.02
CA VAL A 92 1.00 16.04 -9.25
C VAL A 92 2.11 16.81 -9.94
N MET A 93 2.89 17.56 -9.16
CA MET A 93 3.96 18.37 -9.71
C MET A 93 5.34 17.78 -9.47
N GLY A 94 5.48 16.90 -8.49
CA GLY A 94 6.76 16.30 -8.20
C GLY A 94 6.59 15.16 -7.23
N VAL A 95 7.50 14.19 -7.26
CA VAL A 95 7.49 13.10 -6.31
C VAL A 95 8.89 12.94 -5.74
N LYS A 96 9.00 12.86 -4.44
CA LYS A 96 10.23 12.48 -3.77
C LYS A 96 10.00 11.12 -3.15
N ALA A 97 10.74 10.13 -3.62
CA ALA A 97 10.51 8.73 -3.32
C ALA A 97 11.72 8.19 -2.56
N TYR A 98 11.46 7.50 -1.47
CA TYR A 98 12.53 7.03 -0.59
C TYR A 98 12.33 5.56 -0.29
N THR A 99 13.41 4.77 -0.29
CA THR A 99 13.29 3.37 0.10
C THR A 99 14.63 2.86 0.62
N ILE A 100 14.57 1.85 1.48
CA ILE A 100 15.76 1.41 2.19
C ILE A 100 16.68 0.60 1.28
N GLY A 101 16.11 -0.19 0.39
CA GLY A 101 16.94 -1.06 -0.43
C GLY A 101 17.72 -2.05 0.43
N GLY A 102 18.82 -2.55 -0.15
CA GLY A 102 19.66 -3.49 0.56
C GLY A 102 19.17 -4.92 0.41
N LYS A 103 19.80 -5.81 1.17
CA LYS A 103 19.55 -7.24 1.07
C LYS A 103 18.11 -7.56 1.45
N GLY A 104 17.39 -8.19 0.51
CA GLY A 104 16.02 -8.59 0.73
C GLY A 104 14.99 -7.52 0.45
N HIS A 105 15.41 -6.30 0.13
CA HIS A 105 14.50 -5.19 -0.13
C HIS A 105 14.65 -4.74 -1.57
N GLU A 106 13.52 -4.36 -2.18
CA GLU A 106 13.53 -4.03 -3.60
C GLU A 106 13.98 -2.58 -3.83
N ALA A 107 14.85 -2.41 -4.78
CA ALA A 107 15.31 -1.09 -5.17
C ALA A 107 14.39 -0.54 -6.24
N PRO A 108 14.37 0.78 -6.46
CA PRO A 108 13.48 1.33 -7.50
C PRO A 108 13.79 0.73 -8.86
N LYS A 109 12.74 0.39 -9.60
CA LYS A 109 12.89 0.05 -11.01
C LYS A 109 12.92 1.34 -11.81
N MET A 110 13.83 1.42 -12.78
CA MET A 110 14.07 2.65 -13.52
C MET A 110 13.48 2.51 -14.92
N VAL A 111 12.40 3.25 -15.18
CA VAL A 111 11.69 3.20 -16.46
C VAL A 111 11.27 4.62 -16.84
N THR A 112 10.85 4.77 -18.11
CA THR A 112 10.40 6.04 -18.67
C THR A 112 8.88 6.21 -18.60
N SER A 113 8.23 5.53 -17.68
CA SER A 113 6.80 5.69 -17.47
C SER A 113 6.45 7.18 -17.32
N LEU A 114 5.27 7.57 -17.82
CA LEU A 114 4.92 8.99 -17.97
C LEU A 114 5.18 9.80 -16.70
N GLY A 115 6.00 10.84 -16.82
CA GLY A 115 6.30 11.69 -15.69
C GLY A 115 7.47 11.24 -14.86
N TRP A 116 8.23 10.24 -15.33
CA TRP A 116 9.39 9.73 -14.58
C TRP A 116 10.34 10.85 -14.20
N ASN A 117 10.43 11.89 -15.03
CA ASN A 117 11.42 12.94 -14.78
C ASN A 117 11.05 13.80 -13.58
N LEU A 118 9.81 13.72 -13.11
CA LEU A 118 9.37 14.44 -11.93
C LEU A 118 9.66 13.68 -10.64
N ILE A 119 10.18 12.45 -10.73
CA ILE A 119 10.49 11.65 -9.55
C ILE A 119 11.96 11.81 -9.20
N LYS A 120 12.23 12.08 -7.93
CA LYS A 120 13.57 11.98 -7.36
C LYS A 120 13.61 10.76 -6.46
N PHE A 121 14.34 9.72 -6.87
CA PHE A 121 14.48 8.50 -6.08
C PHE A 121 15.71 8.61 -5.18
N ARG A 122 15.53 8.19 -3.93
CA ARG A 122 16.65 8.02 -3.01
C ARG A 122 16.53 6.65 -2.37
N ALA A 123 17.38 5.72 -2.81
CA ALA A 123 17.50 4.41 -2.19
C ALA A 123 18.54 4.46 -1.06
N GLY A 124 18.55 3.43 -0.24
CA GLY A 124 19.40 3.41 0.94
C GLY A 124 18.99 4.38 2.02
N MET A 125 17.71 4.75 2.06
N MET A 125 17.71 4.76 2.06
CA MET A 125 17.20 5.76 2.99
CA MET A 125 17.20 5.76 2.99
C MET A 125 16.18 5.10 3.90
C MET A 125 16.18 5.10 3.90
N ASP A 126 16.41 5.18 5.22
CA ASP A 126 15.43 4.75 6.21
C ASP A 126 14.49 5.91 6.49
N VAL A 127 13.21 5.73 6.18
CA VAL A 127 12.27 6.84 6.40
C VAL A 127 11.93 7.02 7.88
N PHE A 128 12.12 6.01 8.73
CA PHE A 128 11.67 6.15 10.12
C PHE A 128 12.55 7.12 10.89
N THR A 129 13.77 7.35 10.46
CA THR A 129 14.66 8.30 11.12
C THR A 129 14.90 9.56 10.31
N MET A 130 14.22 9.71 9.17
CA MET A 130 14.42 10.86 8.31
C MET A 130 13.51 12.01 8.73
N GLN A 131 14.07 13.21 8.77
CA GLN A 131 13.27 14.37 9.16
C GLN A 131 12.23 14.67 8.09
N PRO A 132 10.97 14.91 8.46
CA PRO A 132 9.96 15.28 7.46
C PRO A 132 10.25 16.65 6.84
N HIS A 133 9.70 16.84 5.65
CA HIS A 133 9.79 18.11 4.93
C HIS A 133 8.42 18.45 4.34
N ARG A 134 8.32 19.61 3.71
CA ARG A 134 7.04 20.05 3.19
C ARG A 134 6.56 19.08 2.14
N ALA A 135 5.26 18.79 2.18
CA ALA A 135 4.63 17.96 1.16
C ALA A 135 3.14 18.26 1.16
N ASP A 136 2.52 18.14 -0.02
CA ASP A 136 1.07 18.22 -0.13
C ASP A 136 0.38 16.87 0.00
N THR A 137 1.03 15.79 -0.43
CA THR A 137 0.48 14.44 -0.37
C THR A 137 1.55 13.55 0.21
N VAL A 138 1.20 12.77 1.25
CA VAL A 138 2.12 11.84 1.88
C VAL A 138 1.58 10.42 1.67
N MET A 139 2.38 9.58 1.00
CA MET A 139 2.03 8.18 0.75
C MET A 139 3.03 7.29 1.44
N CYS A 140 2.56 6.16 1.97
CA CYS A 140 3.46 5.19 2.59
C CYS A 140 2.87 3.80 2.46
N ASP A 141 3.56 2.93 1.74
CA ASP A 141 3.11 1.56 1.54
C ASP A 141 3.99 0.56 2.27
N ILE A 142 4.45 0.91 3.47
CA ILE A 142 5.34 0.05 4.25
C ILE A 142 4.52 -0.89 5.12
N GLY A 143 4.98 -2.14 5.19
CA GLY A 143 4.44 -3.10 6.13
C GLY A 143 4.84 -4.50 5.71
N GLU A 144 5.94 -4.99 6.26
CA GLU A 144 6.46 -6.31 5.90
C GLU A 144 5.72 -7.41 6.65
N SER A 145 5.20 -8.38 5.90
N SER A 145 5.20 -8.38 5.90
CA SER A 145 4.45 -9.48 6.49
CA SER A 145 4.47 -9.49 6.49
C SER A 145 5.35 -10.34 7.38
C SER A 145 5.35 -10.33 7.40
N SER A 146 4.73 -10.93 8.40
CA SER A 146 5.40 -11.85 9.30
C SER A 146 4.35 -12.85 9.74
N PRO A 147 4.70 -14.13 9.90
CA PRO A 147 3.72 -15.08 10.49
C PRO A 147 3.31 -14.72 11.90
N ASP A 148 4.08 -13.86 12.58
CA ASP A 148 3.81 -13.42 13.94
C ASP A 148 2.98 -12.13 13.88
N ALA A 149 1.72 -12.21 14.30
CA ALA A 149 0.85 -11.04 14.25
C ALA A 149 1.31 -9.93 15.19
N ALA A 150 2.01 -10.27 16.27
CA ALA A 150 2.49 -9.24 17.18
C ALA A 150 3.58 -8.40 16.50
N ILE A 151 4.43 -9.03 15.70
CA ILE A 151 5.42 -8.29 14.93
C ILE A 151 4.73 -7.42 13.89
N GLU A 152 3.73 -7.97 13.20
CA GLU A 152 3.01 -7.19 12.19
C GLU A 152 2.32 -5.99 12.84
N GLY A 153 1.81 -6.17 14.07
CA GLY A 153 1.22 -5.05 14.79
C GLY A 153 2.24 -3.96 15.11
N GLU A 154 3.43 -4.35 15.57
CA GLU A 154 4.44 -3.35 15.87
C GLU A 154 4.92 -2.64 14.60
N ARG A 155 5.11 -3.38 13.50
CA ARG A 155 5.45 -2.73 12.22
C ARG A 155 4.40 -1.72 11.81
N THR A 156 3.13 -2.06 11.99
CA THR A 156 2.04 -1.15 11.63
C THR A 156 2.08 0.08 12.51
N ARG A 157 2.32 -0.10 13.81
CA ARG A 157 2.37 1.01 14.75
C ARG A 157 3.46 2.00 14.34
N LYS A 158 4.62 1.49 13.87
CA LYS A 158 5.70 2.38 13.45
C LYS A 158 5.30 3.19 12.22
N VAL A 159 4.54 2.60 11.29
CA VAL A 159 4.06 3.36 10.14
C VAL A 159 3.11 4.47 10.59
N ILE A 160 2.19 4.17 11.51
CA ILE A 160 1.26 5.21 11.97
C ILE A 160 2.01 6.35 12.66
N LEU A 161 3.03 6.02 13.47
CA LEU A 161 3.83 7.06 14.10
C LEU A 161 4.55 7.91 13.06
N LEU A 162 5.09 7.28 12.02
CA LEU A 162 5.71 8.02 10.93
C LEU A 162 4.73 8.98 10.30
N MET A 163 3.50 8.53 10.07
CA MET A 163 2.49 9.40 9.49
C MET A 163 2.13 10.56 10.41
N GLU A 164 2.11 10.32 11.72
CA GLU A 164 1.89 11.43 12.65
C GLU A 164 3.00 12.46 12.54
N GLN A 165 4.25 12.02 12.36
CA GLN A 165 5.36 12.95 12.22
C GLN A 165 5.21 13.78 10.96
N TRP A 166 4.78 13.16 9.86
CA TRP A 166 4.63 13.90 8.61
C TRP A 166 3.43 14.84 8.65
N LYS A 167 2.37 14.46 9.37
CA LYS A 167 1.23 15.36 9.54
C LYS A 167 1.58 16.49 10.48
N ASN A 168 2.42 16.25 11.49
CA ASN A 168 2.89 17.35 12.33
C ASN A 168 3.59 18.42 11.49
N ARG A 169 4.43 18.01 10.55
CA ARG A 169 5.10 18.96 9.67
C ARG A 169 4.11 19.57 8.67
N ASN A 170 3.16 18.78 8.18
CA ASN A 170 2.23 19.16 7.11
C ASN A 170 0.79 18.87 7.54
N PRO A 171 0.23 19.68 8.45
CA PRO A 171 -1.14 19.38 8.94
C PRO A 171 -2.21 19.33 7.86
N SER A 172 -2.03 20.03 6.76
CA SER A 172 -3.01 20.04 5.68
C SER A 172 -2.73 18.99 4.59
N ALA A 173 -1.69 18.17 4.73
CA ALA A 173 -1.37 17.22 3.68
C ALA A 173 -2.38 16.08 3.66
N SER A 174 -2.75 15.64 2.45
CA SER A 174 -3.49 14.40 2.34
C SER A 174 -2.54 13.23 2.58
N CYS A 175 -3.07 12.17 3.20
CA CYS A 175 -2.27 11.00 3.56
C CYS A 175 -2.96 9.73 3.09
N VAL A 176 -2.18 8.82 2.53
CA VAL A 176 -2.63 7.47 2.24
C VAL A 176 -1.54 6.52 2.69
N PHE A 177 -1.89 5.52 3.50
CA PHE A 177 -0.87 4.63 4.01
C PHE A 177 -1.41 3.23 4.25
N LYS A 178 -0.53 2.25 4.07
CA LYS A 178 -0.84 0.87 4.40
C LYS A 178 -0.94 0.68 5.91
N VAL A 179 -1.94 -0.09 6.33
CA VAL A 179 -2.12 -0.52 7.71
C VAL A 179 -2.06 -2.04 7.64
N LEU A 180 -0.87 -2.60 7.91
CA LEU A 180 -0.63 -4.01 7.66
C LEU A 180 -1.52 -4.90 8.52
N ALA A 181 -1.62 -4.60 9.82
CA ALA A 181 -2.33 -5.45 10.79
C ALA A 181 -3.32 -4.59 11.57
N PRO A 182 -4.46 -4.23 10.97
CA PRO A 182 -5.34 -3.23 11.58
C PRO A 182 -6.09 -3.71 12.81
N TYR A 183 -6.09 -5.01 13.08
CA TYR A 183 -6.87 -5.59 14.16
C TYR A 183 -6.12 -5.63 15.49
N ARG A 184 -4.82 -5.33 15.50
CA ARG A 184 -4.08 -5.40 16.74
C ARG A 184 -4.43 -4.21 17.63
N PRO A 185 -4.40 -4.40 18.96
CA PRO A 185 -4.95 -3.36 19.86
C PRO A 185 -4.19 -2.05 19.82
N GLU A 186 -2.86 -2.09 19.76
CA GLU A 186 -2.08 -0.85 19.70
C GLU A 186 -2.28 -0.15 18.38
N VAL A 187 -2.66 -0.89 17.34
CA VAL A 187 -2.93 -0.30 16.03
C VAL A 187 -4.27 0.42 16.04
N ILE A 188 -5.30 -0.22 16.62
CA ILE A 188 -6.60 0.44 16.79
C ILE A 188 -6.45 1.73 17.58
N GLU A 189 -5.75 1.67 18.72
CA GLU A 189 -5.55 2.86 19.54
C GLU A 189 -4.87 3.96 18.74
N ALA A 190 -3.82 3.61 17.99
CA ALA A 190 -3.08 4.61 17.24
C ALA A 190 -3.91 5.19 16.10
N LEU A 191 -4.67 4.35 15.40
CA LEU A 191 -5.53 4.83 14.32
C LEU A 191 -6.65 5.71 14.85
N HIS A 192 -7.21 5.36 16.01
CA HIS A 192 -8.24 6.20 16.60
CA HIS A 192 -8.24 6.20 16.62
C HIS A 192 -7.71 7.59 16.89
N ARG A 193 -6.50 7.67 17.47
CA ARG A 193 -5.90 8.97 17.73
C ARG A 193 -5.63 9.70 16.41
N PHE A 194 -5.16 8.99 15.39
CA PHE A 194 -4.93 9.63 14.10
C PHE A 194 -6.23 10.17 13.53
N GLN A 195 -7.29 9.35 13.55
CA GLN A 195 -8.58 9.77 13.03
C GLN A 195 -9.15 10.93 13.82
N LEU A 196 -8.98 10.92 15.14
CA LEU A 196 -9.49 12.01 15.97
C LEU A 196 -8.91 13.35 15.54
N GLN A 197 -7.61 13.40 15.24
CA GLN A 197 -6.96 14.66 14.91
C GLN A 197 -7.06 15.01 13.43
N TRP A 198 -7.04 14.02 12.54
CA TRP A 198 -6.86 14.26 11.11
C TRP A 198 -8.01 13.79 10.24
N GLY A 199 -9.03 13.15 10.81
CA GLY A 199 -10.05 12.53 9.99
C GLY A 199 -9.49 11.32 9.27
N GLY A 200 -10.29 10.78 8.38
CA GLY A 200 -9.89 9.64 7.56
C GLY A 200 -10.64 8.38 7.93
N GLY A 201 -10.25 7.31 7.26
CA GLY A 201 -10.84 6.00 7.49
C GLY A 201 -10.08 4.94 6.71
N LEU A 202 -10.57 3.70 6.83
CA LEU A 202 -9.89 2.55 6.25
C LEU A 202 -10.70 1.96 5.10
N VAL A 203 -9.99 1.38 4.15
CA VAL A 203 -10.63 0.69 3.03
C VAL A 203 -9.77 -0.49 2.58
N ARG A 204 -10.43 -1.54 2.14
CA ARG A 204 -9.78 -2.73 1.62
C ARG A 204 -9.77 -2.65 0.10
N THR A 205 -8.57 -2.86 -0.52
CA THR A 205 -8.57 -2.86 -1.97
C THR A 205 -8.83 -4.27 -2.49
N PRO A 206 -9.42 -4.40 -3.68
CA PRO A 206 -9.74 -5.74 -4.20
C PRO A 206 -8.54 -6.50 -4.73
N PHE A 207 -7.37 -5.86 -4.81
CA PHE A 207 -6.13 -6.52 -5.24
C PHE A 207 -5.37 -7.16 -4.09
N SER A 208 -5.76 -6.88 -2.85
CA SER A 208 -5.05 -7.39 -1.69
C SER A 208 -5.39 -8.86 -1.49
N ARG A 209 -4.36 -9.71 -1.40
CA ARG A 209 -4.58 -11.14 -1.23
C ARG A 209 -5.21 -11.46 0.13
N ASN A 210 -5.89 -12.62 0.19
CA ASN A 210 -6.53 -13.03 1.44
C ASN A 210 -5.53 -13.42 2.51
N SER A 211 -4.27 -13.64 2.12
CA SER A 211 -3.21 -13.93 3.06
C SER A 211 -2.66 -12.70 3.76
N THR A 212 -3.25 -11.52 3.52
CA THR A 212 -2.90 -10.31 4.25
C THR A 212 -4.17 -9.59 4.70
N HIS A 213 -4.14 -9.04 5.90
CA HIS A 213 -5.22 -8.24 6.42
C HIS A 213 -5.05 -6.75 6.10
N GLU A 214 -4.10 -6.41 5.23
CA GLU A 214 -3.78 -5.02 4.96
C GLU A 214 -5.02 -4.20 4.54
N MET A 215 -5.15 -3.03 5.14
CA MET A 215 -6.14 -2.04 4.73
C MET A 215 -5.42 -0.72 4.55
N TYR A 216 -5.98 0.16 3.75
CA TYR A 216 -5.36 1.44 3.44
C TYR A 216 -6.13 2.54 4.17
N TYR A 217 -5.41 3.38 4.87
CA TYR A 217 -5.98 4.53 5.55
C TYR A 217 -5.81 5.74 4.64
N SER A 218 -6.88 6.52 4.49
CA SER A 218 -6.77 7.74 3.71
C SER A 218 -7.51 8.85 4.44
N THR A 219 -6.93 10.04 4.46
CA THR A 219 -7.62 11.18 5.05
C THR A 219 -8.85 11.60 4.26
N ALA A 220 -9.02 11.12 3.03
CA ALA A 220 -10.13 11.52 2.18
C ALA A 220 -11.40 10.71 2.38
N ILE A 221 -11.36 9.65 3.19
CA ILE A 221 -12.56 8.86 3.46
C ILE A 221 -12.89 8.94 4.94
N SER A 222 -13.90 8.20 5.36
N SER A 222 -13.88 8.17 5.37
CA SER A 222 -14.39 8.22 6.73
CA SER A 222 -14.35 8.21 6.74
C SER A 222 -14.77 6.81 7.13
C SER A 222 -14.73 6.80 7.15
N GLY A 223 -15.32 6.66 8.34
CA GLY A 223 -15.82 5.37 8.77
C GLY A 223 -15.28 4.92 10.10
N ASN A 224 -16.16 4.33 10.92
CA ASN A 224 -15.76 3.78 12.21
C ASN A 224 -14.67 2.74 12.01
N ILE A 225 -13.56 2.90 12.73
CA ILE A 225 -12.38 2.07 12.49
C ILE A 225 -12.63 0.63 12.93
N VAL A 226 -13.12 0.45 14.16
CA VAL A 226 -13.39 -0.90 14.67
C VAL A 226 -14.36 -1.63 13.75
N ASN A 227 -15.44 -0.97 13.36
CA ASN A 227 -16.40 -1.61 12.45
C ASN A 227 -15.75 -1.95 11.12
N SER A 228 -14.93 -1.05 10.57
CA SER A 228 -14.24 -1.36 9.32
C SER A 228 -13.36 -2.60 9.46
N VAL A 229 -12.63 -2.73 10.57
CA VAL A 229 -11.70 -3.85 10.72
C VAL A 229 -12.47 -5.16 10.87
N ASN A 230 -13.47 -5.17 11.75
CA ASN A 230 -14.19 -6.42 12.04
C ASN A 230 -14.96 -6.92 10.82
N VAL A 231 -15.57 -6.00 10.06
CA VAL A 231 -16.13 -6.37 8.77
C VAL A 231 -15.11 -7.08 7.91
N GLN A 232 -13.89 -6.52 7.82
CA GLN A 232 -12.87 -7.15 7.01
C GLN A 232 -12.43 -8.52 7.57
N SER A 233 -12.25 -8.61 8.90
CA SER A 233 -11.87 -9.89 9.50
C SER A 233 -12.89 -10.99 9.21
N ARG A 234 -14.18 -10.64 9.21
N ARG A 234 -14.19 -10.64 9.24
CA ARG A 234 -15.20 -11.65 8.99
CA ARG A 234 -15.23 -11.63 8.98
C ARG A 234 -15.23 -12.10 7.53
C ARG A 234 -15.18 -12.10 7.53
N LYS A 235 -15.06 -11.16 6.58
CA LYS A 235 -14.97 -11.53 5.18
C LYS A 235 -13.78 -12.45 4.92
N LEU A 236 -12.68 -12.21 5.63
CA LEU A 236 -11.52 -13.07 5.48
C LEU A 236 -11.74 -14.45 6.11
N LEU A 237 -12.33 -14.49 7.32
CA LEU A 237 -12.60 -15.77 7.96
C LEU A 237 -13.61 -16.59 7.15
N ALA A 238 -14.57 -15.93 6.50
CA ALA A 238 -15.58 -16.63 5.72
C ALA A 238 -15.03 -17.19 4.43
N ARG A 239 -13.92 -16.66 3.91
CA ARG A 239 -13.35 -17.14 2.65
C ARG A 239 -12.55 -18.42 2.80
N PHE A 240 -12.24 -18.84 4.03
CA PHE A 240 -11.55 -20.11 4.23
C PHE A 240 -12.41 -21.26 3.71
N GLY A 241 -11.88 -21.99 2.72
CA GLY A 241 -12.58 -23.07 2.06
C GLY A 241 -13.04 -22.75 0.66
N ASP A 242 -13.08 -21.47 0.28
CA ASP A 242 -13.46 -21.11 -1.08
C ASP A 242 -12.43 -21.63 -2.06
N GLN A 243 -12.92 -22.15 -3.18
CA GLN A 243 -12.07 -22.79 -4.18
C GLN A 243 -12.01 -22.02 -5.50
N ARG A 244 -12.76 -20.92 -5.62
CA ARG A 244 -12.72 -20.14 -6.84
C ARG A 244 -11.34 -19.50 -7.01
N GLY A 245 -10.95 -19.31 -8.28
CA GLY A 245 -9.65 -18.77 -8.58
C GLY A 245 -9.62 -17.25 -8.49
N PRO A 246 -8.50 -16.66 -8.89
CA PRO A 246 -8.44 -15.20 -8.98
C PRO A 246 -9.20 -14.69 -10.20
N ILE A 247 -9.55 -13.41 -10.16
CA ILE A 247 -10.11 -12.69 -11.29
C ILE A 247 -8.97 -11.94 -11.97
N ARG A 248 -8.63 -12.34 -13.20
CA ARG A 248 -7.49 -11.75 -13.90
C ARG A 248 -7.93 -10.53 -14.71
N VAL A 249 -7.20 -9.42 -14.57
CA VAL A 249 -7.50 -8.17 -15.26
C VAL A 249 -6.21 -7.64 -15.88
N PRO A 250 -6.32 -6.79 -16.90
CA PRO A 250 -5.09 -6.26 -17.53
C PRO A 250 -4.30 -5.39 -16.56
N GLU A 251 -2.98 -5.42 -16.74
CA GLU A 251 -2.10 -4.55 -15.97
C GLU A 251 -2.23 -3.11 -16.46
N MET A 252 -2.07 -2.17 -15.52
CA MET A 252 -2.05 -0.75 -15.86
C MET A 252 -0.87 -0.44 -16.76
N ASP A 253 -1.11 0.37 -17.80
CA ASP A 253 -0.07 0.93 -18.66
C ASP A 253 -0.24 2.45 -18.63
N LEU A 254 0.75 3.13 -18.07
CA LEU A 254 0.66 4.58 -17.91
C LEU A 254 1.17 5.34 -19.12
N GLY A 255 1.68 4.66 -20.13
CA GLY A 255 2.37 5.33 -21.20
C GLY A 255 3.75 5.78 -20.74
N VAL A 256 4.48 6.38 -21.68
CA VAL A 256 5.85 6.82 -21.46
C VAL A 256 5.99 8.28 -21.84
N GLY A 257 7.06 8.90 -21.35
CA GLY A 257 7.39 10.26 -21.72
C GLY A 257 7.63 11.14 -20.51
N THR A 258 8.13 12.32 -20.78
CA THR A 258 8.36 13.29 -19.74
C THR A 258 7.13 14.17 -19.58
N ARG A 259 7.07 14.84 -18.43
CA ARG A 259 6.04 15.82 -18.17
C ARG A 259 6.70 17.16 -17.90
#